data_1AIX
#
_entry.id   1AIX
#
_cell.length_a   69.910
_cell.length_b   71.191
_cell.length_c   71.889
_cell.angle_alpha   90.00
_cell.angle_beta   100.29
_cell.angle_gamma   90.00
#
_symmetry.space_group_name_H-M   'C 1 2 1'
#
loop_
_entity.id
_entity.type
_entity.pdbx_description
1 polymer 'ALPHA-THROMBIN (SMALL SUBUNIT)'
2 polymer 'ALPHA-THROMBIN (LARGE SUBUNIT)'
3 polymer HIRUGEN
4 non-polymer PHENYLMETHYLENECARBOXY-(METHYLENEAMINO-FORMYL-DIPHENYLMETHYL)METHY-PRO-BOROVAL
5 water water
#
loop_
_entity_poly.entity_id
_entity_poly.type
_entity_poly.pdbx_seq_one_letter_code
_entity_poly.pdbx_strand_id
1 'polypeptide(L)' TFGSGEADCGLRPLFEKKSLEDKTERELLESYIDGR L
2 'polypeptide(L)'
;IVEGSDAEIGMSPWQVMLFRKSPQELLCGASLISDRWVLTAAHCLLYPPWDKNFTENDLLVRIGKHSRTRYERNIEKISM
LEKIYIHPRYNWRENLDRDIALMKLKKPVAFSDYIHPVCLPDRETAASLLQAGYKGRVTGWGNLKETWTANVGKGQPSVL
QVVNLPIVERPVCKDSTRIRITDNMFCAGYKPDEGKRGDACEGDSGGPFVMKSPFNNRWYQMGIVSWGEGCDRDGKYGFY
THVFRLKKWIQKVIDQFGE
;
H
3 'polypeptide(L)' NEDFEEIPEE(TYS)L I
#
# COMPACT_ATOMS: atom_id res chain seq x y z
N ALA A 7 -0.53 -7.77 -16.93
CA ALA A 7 -0.55 -8.83 -17.92
C ALA A 7 -1.44 -9.91 -17.39
N ASP A 8 -0.95 -10.43 -16.31
CA ASP A 8 -1.64 -11.40 -15.50
C ASP A 8 -1.82 -10.72 -14.15
N CYS A 9 -1.46 -9.46 -14.20
CA CYS A 9 -1.50 -8.55 -13.06
C CYS A 9 -2.91 -8.50 -12.46
N GLY A 10 -2.93 -8.41 -11.15
CA GLY A 10 -4.16 -8.25 -10.36
C GLY A 10 -4.99 -9.54 -10.26
N LEU A 11 -4.47 -10.64 -10.75
CA LEU A 11 -5.17 -11.95 -10.66
C LEU A 11 -4.39 -12.86 -9.72
N ARG A 12 -4.96 -13.09 -8.55
CA ARG A 12 -4.30 -13.88 -7.51
C ARG A 12 -4.33 -15.37 -7.83
N PRO A 13 -3.15 -15.98 -7.66
CA PRO A 13 -2.98 -17.46 -7.82
C PRO A 13 -3.89 -18.19 -6.88
N LEU A 14 -4.10 -17.71 -5.65
CA LEU A 14 -4.98 -18.48 -4.75
C LEU A 14 -6.43 -18.00 -4.68
N PHE A 15 -6.78 -17.05 -5.50
CA PHE A 15 -8.17 -16.57 -5.48
C PHE A 15 -8.74 -16.55 -6.92
N GLU A 16 -8.54 -15.46 -7.64
CA GLU A 16 -9.10 -15.33 -9.01
C GLU A 16 -8.70 -16.48 -9.95
N LYS A 17 -7.43 -16.85 -9.90
CA LYS A 17 -6.87 -17.88 -10.79
C LYS A 17 -7.53 -19.27 -10.58
N LYS A 18 -8.04 -19.49 -9.37
CA LYS A 18 -8.72 -20.77 -8.99
C LYS A 18 -10.23 -20.59 -8.84
N SER A 19 -10.66 -19.39 -9.15
CA SER A 19 -12.07 -18.95 -9.02
C SER A 19 -12.61 -19.15 -7.60
N LEU A 20 -11.79 -18.75 -6.64
CA LEU A 20 -12.15 -18.76 -5.21
C LEU A 20 -12.25 -17.29 -4.77
N GLU A 21 -13.15 -16.99 -3.87
CA GLU A 21 -13.31 -15.61 -3.40
C GLU A 21 -12.81 -15.46 -1.98
N ASP A 22 -12.18 -14.32 -1.70
CA ASP A 22 -11.73 -14.07 -0.33
C ASP A 22 -12.98 -13.66 0.45
N LYS A 23 -12.84 -13.65 1.74
CA LYS A 23 -13.98 -13.44 2.65
C LYS A 23 -14.59 -12.03 2.63
N THR A 24 -13.94 -11.03 2.06
CA THR A 24 -14.60 -9.71 2.11
C THR A 24 -14.61 -8.99 0.76
N GLU A 25 -14.20 -9.67 -0.30
CA GLU A 25 -14.15 -8.99 -1.61
C GLU A 25 -15.58 -8.58 -2.06
N ARG A 26 -16.61 -9.34 -1.71
CA ARG A 26 -17.99 -9.02 -2.03
C ARG A 26 -18.39 -7.64 -1.46
N GLU A 27 -17.89 -7.31 -0.28
CA GLU A 27 -18.18 -6.00 0.33
C GLU A 27 -17.79 -4.90 -0.65
N LEU A 28 -16.66 -5.12 -1.32
CA LEU A 28 -16.18 -4.14 -2.31
C LEU A 28 -17.13 -4.06 -3.50
N LEU A 29 -17.40 -5.22 -4.07
CA LEU A 29 -18.29 -5.34 -5.24
C LEU A 29 -19.64 -4.70 -4.94
N GLU A 30 -20.16 -4.97 -3.75
CA GLU A 30 -21.48 -4.45 -3.38
C GLU A 30 -21.49 -2.92 -3.29
N SER A 31 -20.32 -2.34 -3.15
CA SER A 31 -20.21 -0.87 -3.02
C SER A 31 -20.03 -0.20 -4.39
N TYR A 32 -19.78 -1.00 -5.42
CA TYR A 32 -19.57 -0.48 -6.80
C TYR A 32 -20.90 -0.44 -7.57
N ILE A 33 -21.63 0.64 -7.41
CA ILE A 33 -22.99 0.70 -7.98
C ILE A 33 -23.10 1.42 -9.30
N ILE B 1 -2.68 -1.23 10.75
CA ILE B 1 -4.15 -1.19 10.49
C ILE B 1 -4.93 -1.27 11.80
N VAL B 2 -5.82 -0.31 11.98
CA VAL B 2 -6.73 -0.30 13.13
C VAL B 2 -8.09 -0.83 12.71
N GLU B 3 -8.61 -1.73 13.52
CA GLU B 3 -9.95 -2.31 13.31
C GLU B 3 -10.06 -3.10 12.00
N GLY B 4 -8.96 -3.73 11.63
CA GLY B 4 -8.91 -4.58 10.44
C GLY B 4 -9.12 -6.02 10.89
N SER B 5 -8.72 -6.92 10.04
CA SER B 5 -8.78 -8.35 10.32
C SER B 5 -7.56 -9.01 9.68
N ASP B 6 -7.19 -10.16 10.19
CA ASP B 6 -6.05 -10.91 9.64
C ASP B 6 -6.29 -11.18 8.17
N ALA B 7 -5.26 -11.01 7.37
CA ALA B 7 -5.37 -11.30 5.95
C ALA B 7 -5.37 -12.81 5.76
N GLU B 8 -6.00 -13.23 4.69
CA GLU B 8 -6.02 -14.64 4.32
C GLU B 8 -4.71 -14.93 3.59
N ILE B 9 -4.32 -16.17 3.57
CA ILE B 9 -3.10 -16.58 2.87
C ILE B 9 -3.25 -16.27 1.36
N GLY B 10 -2.29 -15.51 0.87
CA GLY B 10 -2.18 -15.12 -0.56
C GLY B 10 -3.27 -14.09 -0.97
N MET B 11 -3.84 -13.45 0.02
CA MET B 11 -4.91 -12.46 -0.19
C MET B 11 -4.39 -11.17 -0.86
N SER B 12 -3.15 -10.84 -0.60
CA SER B 12 -2.50 -9.61 -1.12
C SER B 12 -1.11 -9.95 -1.52
N PRO B 13 -0.94 -10.68 -2.64
CA PRO B 13 0.35 -11.23 -3.04
C PRO B 13 1.24 -10.24 -3.68
N TRP B 14 0.80 -8.97 -3.77
CA TRP B 14 1.65 -7.86 -4.22
C TRP B 14 2.20 -7.07 -3.03
N GLN B 15 1.78 -7.46 -1.85
CA GLN B 15 2.23 -6.80 -0.61
C GLN B 15 3.72 -6.96 -0.44
N VAL B 16 4.35 -5.84 -0.15
CA VAL B 16 5.79 -5.77 0.07
C VAL B 16 6.08 -5.10 1.40
N MET B 17 7.06 -5.64 2.08
CA MET B 17 7.53 -5.08 3.35
C MET B 17 8.89 -4.42 3.15
N LEU B 18 8.93 -3.15 3.46
CA LEU B 18 10.19 -2.38 3.43
C LEU B 18 10.87 -2.65 4.77
N PHE B 19 12.03 -3.25 4.72
CA PHE B 19 12.71 -3.67 5.97
C PHE B 19 14.10 -3.07 6.06
N ARG B 20 14.33 -2.48 7.22
CA ARG B 20 15.61 -1.84 7.57
C ARG B 20 16.62 -2.91 7.99
N LYS B 21 17.80 -2.81 7.41
CA LYS B 21 18.88 -3.78 7.65
C LYS B 21 19.34 -3.76 9.12
N SER B 22 19.74 -2.58 9.59
CA SER B 22 20.21 -2.44 10.97
C SER B 22 19.85 -1.09 11.56
N PRO B 23 19.17 -1.08 12.69
CA PRO B 23 18.57 -2.25 13.27
C PRO B 23 17.40 -2.78 12.41
N GLN B 24 17.19 -4.08 12.50
CA GLN B 24 16.21 -4.84 11.77
C GLN B 24 14.84 -4.41 12.24
N GLU B 25 14.10 -3.75 11.36
CA GLU B 25 12.74 -3.30 11.71
C GLU B 25 11.94 -3.02 10.43
N LEU B 26 10.65 -2.99 10.60
CA LEU B 26 9.76 -2.69 9.49
C LEU B 26 9.85 -1.19 9.21
N LEU B 27 10.09 -0.81 7.96
CA LEU B 27 10.17 0.63 7.66
C LEU B 27 8.86 1.18 7.06
N CYS B 28 8.17 0.35 6.29
CA CYS B 28 6.91 0.75 5.62
C CYS B 28 6.36 -0.41 4.81
N GLY B 29 5.22 -0.12 4.20
CA GLY B 29 4.57 -1.04 3.28
C GLY B 29 4.98 -0.62 1.86
N ALA B 30 4.69 -1.47 0.92
CA ALA B 30 5.00 -1.25 -0.49
C ALA B 30 4.21 -2.26 -1.32
N SER B 31 4.34 -2.18 -2.63
CA SER B 31 3.63 -3.12 -3.51
C SER B 31 4.49 -3.46 -4.73
N LEU B 32 4.31 -4.69 -5.16
CA LEU B 32 5.00 -5.27 -6.33
C LEU B 32 4.15 -5.00 -7.59
N ILE B 33 4.71 -4.25 -8.56
CA ILE B 33 3.96 -3.90 -9.79
C ILE B 33 4.53 -4.58 -11.06
N SER B 34 5.60 -5.32 -10.87
CA SER B 34 6.26 -6.10 -11.95
C SER B 34 7.31 -6.95 -11.25
N ASP B 35 8.02 -7.77 -11.99
CA ASP B 35 8.98 -8.65 -11.34
C ASP B 35 10.25 -7.90 -10.91
N ARG B 36 10.31 -6.59 -11.16
CA ARG B 36 11.51 -5.86 -10.74
C ARG B 36 11.26 -4.43 -10.28
N TRP B 37 10.00 -4.08 -10.08
CA TRP B 37 9.67 -2.73 -9.61
C TRP B 37 8.69 -2.80 -8.45
N VAL B 38 9.01 -2.01 -7.46
CA VAL B 38 8.19 -1.90 -6.25
C VAL B 38 7.75 -0.43 -6.07
N LEU B 39 6.52 -0.21 -5.66
CA LEU B 39 5.94 1.12 -5.54
C LEU B 39 5.75 1.38 -4.07
N THR B 40 6.14 2.58 -3.60
CA THR B 40 5.83 2.89 -2.20
C THR B 40 5.68 4.43 -2.08
N ALA B 41 5.51 4.95 -0.90
CA ALA B 41 5.40 6.39 -0.63
C ALA B 41 6.79 6.98 -0.60
N ALA B 42 6.89 8.16 -1.22
CA ALA B 42 8.21 8.84 -1.07
C ALA B 42 8.63 9.09 0.39
N HIS B 43 7.67 9.35 1.27
CA HIS B 43 7.99 9.68 2.64
C HIS B 43 8.52 8.47 3.45
N CYS B 44 8.36 7.26 2.89
CA CYS B 44 9.00 6.09 3.49
C CYS B 44 10.51 6.11 3.33
N LEU B 45 11.06 6.79 2.34
CA LEU B 45 12.42 6.88 2.03
C LEU B 45 13.01 8.25 2.36
N LEU B 46 12.18 9.29 2.14
CA LEU B 46 12.72 10.62 2.31
C LEU B 46 11.76 11.55 3.03
N TYR B 47 12.21 11.95 4.21
CA TYR B 47 11.41 12.79 5.08
C TYR B 47 12.38 13.56 6.02
N PRO B 48 12.81 14.67 5.44
CA PRO B 48 13.75 15.58 6.16
C PRO B 48 13.32 16.09 7.49
N PRO B 49 12.06 16.27 7.85
CA PRO B 49 11.69 16.69 9.18
C PRO B 49 12.04 15.70 10.26
N TRP B 50 12.10 14.40 9.96
CA TRP B 50 12.41 13.35 10.92
C TRP B 50 13.78 12.73 10.66
N ASP B 51 14.60 13.46 9.91
CA ASP B 51 15.89 13.03 9.44
C ASP B 51 15.83 11.65 8.76
N LYS B 52 14.90 11.40 7.90
CA LYS B 52 14.90 10.15 7.12
C LYS B 52 15.41 10.49 5.74
N ASN B 53 16.48 9.81 5.29
CA ASN B 53 17.01 9.89 3.98
C ASN B 53 17.66 8.55 3.62
N PHE B 54 16.83 7.50 3.47
CA PHE B 54 17.39 6.17 3.25
C PHE B 54 18.03 6.04 1.89
N THR B 55 19.17 5.33 1.79
CA THR B 55 19.69 5.05 0.45
C THR B 55 19.45 3.58 0.07
N GLU B 56 19.87 3.08 -1.09
CA GLU B 56 19.65 1.72 -1.51
C GLU B 56 20.13 0.66 -0.54
N ASN B 57 21.35 0.84 -0.01
CA ASN B 57 21.98 -0.16 0.83
C ASN B 57 21.50 -0.11 2.26
N ASP B 58 20.57 0.82 2.59
CA ASP B 58 20.04 0.76 3.95
C ASP B 58 18.92 -0.25 4.14
N LEU B 59 18.36 -0.70 2.99
CA LEU B 59 17.11 -1.44 3.03
C LEU B 59 17.11 -2.75 2.22
N LEU B 60 16.09 -3.51 2.51
CA LEU B 60 15.70 -4.72 1.81
C LEU B 60 14.17 -4.66 1.54
N VAL B 61 13.76 -5.38 0.51
CA VAL B 61 12.36 -5.62 0.20
C VAL B 61 12.01 -7.05 0.57
N ARG B 62 11.05 -7.38 1.40
CA ARG B 62 10.52 -8.68 1.65
C ARG B 62 9.14 -8.88 1.00
N ILE B 63 9.06 -9.79 0.06
CA ILE B 63 7.87 -10.10 -0.74
C ILE B 63 7.33 -11.48 -0.43
N GLY B 64 6.04 -11.69 -0.36
CA GLY B 64 5.38 -12.97 -0.21
C GLY B 64 4.99 -13.21 1.25
N LYS B 65 5.19 -12.21 2.10
CA LYS B 65 5.03 -12.38 3.52
C LYS B 65 3.61 -12.46 3.98
N HIS B 66 3.49 -13.02 5.20
CA HIS B 66 2.22 -12.93 5.88
C HIS B 66 2.46 -12.56 7.34
N SER B 67 3.27 -13.38 8.01
CA SER B 67 3.68 -13.06 9.39
C SER B 67 4.50 -11.79 9.38
N ARG B 68 4.30 -10.93 10.39
CA ARG B 68 5.17 -9.73 10.45
C ARG B 68 6.63 -10.06 10.74
N THR B 69 6.83 -10.78 11.86
CA THR B 69 8.24 -10.96 12.31
C THR B 69 8.97 -12.23 11.91
N ARG B 70 8.28 -13.28 11.46
CA ARG B 70 9.00 -14.51 11.14
C ARG B 70 9.77 -14.42 9.85
N TYR B 71 10.82 -15.23 9.72
CA TYR B 71 11.47 -15.41 8.42
C TYR B 71 10.70 -16.57 7.77
N GLU B 72 9.92 -16.26 6.75
CA GLU B 72 8.94 -17.22 6.17
C GLU B 72 9.58 -18.09 5.09
N ARG B 73 10.53 -18.95 5.59
CA ARG B 73 11.35 -19.82 4.78
C ARG B 73 10.50 -20.59 3.80
N ASN B 74 10.98 -20.66 2.59
CA ASN B 74 10.35 -21.25 1.44
C ASN B 74 9.19 -20.36 0.96
N ILE B 75 8.76 -19.26 1.54
CA ILE B 75 7.53 -18.53 1.10
C ILE B 75 7.84 -17.10 0.66
N GLU B 76 8.41 -16.34 1.56
CA GLU B 76 8.97 -15.04 1.20
C GLU B 76 10.22 -15.11 0.39
N LYS B 77 10.39 -14.03 -0.39
CA LYS B 77 11.60 -13.72 -1.08
C LYS B 77 12.14 -12.36 -0.60
N ILE B 78 13.48 -12.27 -0.47
CA ILE B 78 14.06 -11.06 0.10
C ILE B 78 15.00 -10.43 -0.90
N SER B 79 14.76 -9.18 -1.30
CA SER B 79 15.52 -8.63 -2.41
C SER B 79 16.18 -7.31 -2.05
N MET B 80 17.24 -7.08 -2.81
CA MET B 80 18.10 -5.94 -2.59
C MET B 80 17.68 -4.88 -3.61
N LEU B 81 18.00 -3.64 -3.25
CA LEU B 81 17.59 -2.59 -4.18
C LEU B 81 18.73 -2.23 -5.10
N GLU B 82 18.48 -2.10 -6.39
CA GLU B 82 19.46 -1.52 -7.25
C GLU B 82 19.33 0.02 -7.21
N LYS B 83 18.05 0.49 -7.20
CA LYS B 83 17.94 1.97 -7.30
C LYS B 83 16.58 2.50 -6.83
N ILE B 84 16.59 3.65 -6.18
CA ILE B 84 15.44 4.33 -5.61
C ILE B 84 15.13 5.57 -6.45
N TYR B 85 13.87 5.81 -6.80
CA TYR B 85 13.50 6.96 -7.59
C TYR B 85 12.32 7.68 -6.88
N ILE B 86 12.62 8.86 -6.39
CA ILE B 86 11.56 9.65 -5.72
C ILE B 86 10.90 10.62 -6.69
N HIS B 87 9.61 10.84 -6.71
CA HIS B 87 9.03 11.89 -7.58
C HIS B 87 9.79 13.20 -7.35
N PRO B 88 10.27 13.85 -8.39
CA PRO B 88 11.02 15.10 -8.30
C PRO B 88 10.11 16.21 -7.77
N ARG B 89 8.79 16.13 -7.78
CA ARG B 89 8.07 17.26 -7.15
C ARG B 89 7.37 16.76 -5.92
N TYR B 90 7.87 15.65 -5.32
CA TYR B 90 7.35 15.24 -4.00
C TYR B 90 7.42 16.43 -3.04
N ASN B 91 6.39 16.86 -2.39
CA ASN B 91 6.43 18.01 -1.50
C ASN B 91 6.47 17.61 -0.03
N TRP B 92 7.60 17.26 0.57
CA TRP B 92 7.69 16.91 1.95
C TRP B 92 7.54 18.20 2.79
N ARG B 93 7.90 19.35 2.24
CA ARG B 93 7.92 20.54 3.13
C ARG B 93 6.53 21.00 3.59
N GLU B 94 5.49 20.71 2.85
CA GLU B 94 4.16 21.11 3.25
C GLU B 94 3.11 20.02 3.38
N ASN B 95 2.77 19.28 2.30
CA ASN B 95 1.60 18.40 2.54
C ASN B 95 1.77 16.99 2.03
N LEU B 96 2.99 16.59 1.69
CA LEU B 96 3.25 15.28 1.12
C LEU B 96 2.62 15.10 -0.26
N ASP B 97 2.44 16.20 -0.97
CA ASP B 97 1.91 16.12 -2.35
C ASP B 97 2.89 15.29 -3.20
N ARG B 98 2.32 14.43 -4.02
CA ARG B 98 3.03 13.54 -4.90
C ARG B 98 3.82 12.52 -4.05
N ASP B 99 3.19 11.93 -3.02
CA ASP B 99 3.98 11.10 -2.12
C ASP B 99 4.19 9.70 -2.78
N ILE B 100 5.17 9.62 -3.68
CA ILE B 100 5.26 8.35 -4.43
C ILE B 100 6.71 8.07 -4.76
N ALA B 101 7.15 6.84 -4.68
CA ALA B 101 8.52 6.53 -5.14
C ALA B 101 8.54 5.14 -5.77
N LEU B 102 9.58 4.84 -6.55
CA LEU B 102 9.78 3.55 -7.15
C LEU B 102 11.17 3.01 -6.72
N MET B 103 11.24 1.70 -6.57
CA MET B 103 12.48 0.97 -6.23
C MET B 103 12.73 -0.13 -7.27
N LYS B 104 13.83 -0.07 -7.95
CA LYS B 104 14.12 -1.12 -8.97
C LYS B 104 14.88 -2.24 -8.26
N LEU B 105 14.38 -3.47 -8.33
CA LEU B 105 15.12 -4.57 -7.66
C LEU B 105 16.41 -4.97 -8.38
N LYS B 106 17.44 -5.36 -7.65
CA LYS B 106 18.67 -5.83 -8.29
C LYS B 106 18.39 -7.04 -9.17
N LYS B 107 17.56 -8.00 -8.80
CA LYS B 107 17.22 -9.16 -9.59
C LYS B 107 15.67 -9.31 -9.66
N PRO B 108 15.18 -9.95 -10.67
CA PRO B 108 13.76 -10.18 -10.84
C PRO B 108 13.28 -11.13 -9.78
N VAL B 109 12.13 -10.95 -9.16
CA VAL B 109 11.69 -11.85 -8.11
C VAL B 109 10.93 -12.95 -8.81
N ALA B 110 10.88 -14.17 -8.27
CA ALA B 110 10.03 -15.13 -8.94
C ALA B 110 8.58 -15.04 -8.44
N PHE B 111 7.62 -15.16 -9.36
CA PHE B 111 6.23 -15.12 -8.91
C PHE B 111 5.90 -16.53 -8.39
N SER B 112 4.94 -16.58 -7.51
CA SER B 112 4.51 -17.85 -6.90
C SER B 112 3.07 -17.64 -6.46
N ASP B 113 2.60 -18.53 -5.63
CA ASP B 113 1.23 -18.44 -5.12
C ASP B 113 1.08 -17.27 -4.14
N TYR B 114 2.21 -16.81 -3.62
CA TYR B 114 2.25 -15.77 -2.57
C TYR B 114 2.84 -14.45 -3.04
N ILE B 115 3.38 -14.49 -4.23
CA ILE B 115 4.03 -13.33 -4.86
C ILE B 115 3.46 -13.11 -6.25
N HIS B 116 2.89 -11.93 -6.45
CA HIS B 116 2.24 -11.63 -7.74
C HIS B 116 1.87 -10.16 -7.88
N PRO B 117 2.06 -9.56 -9.02
CA PRO B 117 1.95 -8.10 -9.19
C PRO B 117 0.50 -7.64 -9.32
N VAL B 118 0.29 -6.42 -8.78
CA VAL B 118 -1.05 -5.82 -8.78
C VAL B 118 -1.06 -4.92 -10.05
N CYS B 119 -2.21 -4.64 -10.61
CA CYS B 119 -2.28 -3.79 -11.82
C CYS B 119 -2.34 -2.31 -11.44
N LEU B 120 -1.88 -1.47 -12.36
CA LEU B 120 -1.96 0.00 -12.21
C LEU B 120 -3.08 0.48 -13.10
N PRO B 121 -3.89 1.38 -12.57
CA PRO B 121 -5.10 1.82 -13.25
C PRO B 121 -4.76 2.65 -14.48
N ASP B 122 -5.64 2.61 -15.44
CA ASP B 122 -5.55 3.60 -16.56
C ASP B 122 -6.66 4.61 -16.28
N ARG B 123 -6.78 5.61 -17.13
CA ARG B 123 -7.74 6.70 -16.92
C ARG B 123 -9.19 6.19 -16.66
N GLU B 124 -9.64 5.24 -17.48
CA GLU B 124 -11.03 4.72 -17.36
C GLU B 124 -11.25 3.98 -16.03
N THR B 125 -10.26 3.21 -15.61
CA THR B 125 -10.35 2.47 -14.35
C THR B 125 -10.58 3.45 -13.20
N ALA B 126 -9.76 4.47 -13.21
CA ALA B 126 -9.80 5.53 -12.20
C ALA B 126 -11.15 6.24 -12.24
N ALA B 127 -11.53 6.60 -13.45
CA ALA B 127 -12.80 7.30 -13.69
C ALA B 127 -13.97 6.52 -13.10
N SER B 128 -13.99 5.24 -13.39
CA SER B 128 -15.10 4.37 -12.99
C SER B 128 -15.08 3.96 -11.51
N LEU B 129 -13.91 3.79 -10.90
CA LEU B 129 -13.89 3.23 -9.52
C LEU B 129 -13.61 4.27 -8.41
N LEU B 130 -13.01 5.38 -8.76
CA LEU B 130 -12.65 6.40 -7.76
C LEU B 130 -13.83 7.35 -7.52
N GLN B 131 -14.86 6.78 -6.90
CA GLN B 131 -16.09 7.51 -6.56
C GLN B 131 -16.44 7.33 -5.10
N ALA B 132 -16.95 8.41 -4.52
CA ALA B 132 -17.37 8.42 -3.13
C ALA B 132 -18.34 7.27 -2.90
N GLY B 133 -18.10 6.51 -1.85
CA GLY B 133 -18.95 5.37 -1.49
C GLY B 133 -18.33 4.03 -1.91
N TYR B 134 -17.60 4.06 -3.02
CA TYR B 134 -16.91 2.85 -3.52
C TYR B 134 -15.80 2.48 -2.54
N LYS B 135 -15.71 1.22 -2.20
CA LYS B 135 -14.72 0.79 -1.21
C LYS B 135 -13.46 0.22 -1.88
N GLY B 136 -12.37 0.53 -1.22
CA GLY B 136 -11.04 0.05 -1.56
C GLY B 136 -10.56 -0.81 -0.40
N ARG B 137 -9.40 -1.41 -0.56
CA ARG B 137 -8.83 -2.28 0.48
C ARG B 137 -7.40 -1.84 0.82
N VAL B 138 -7.17 -1.66 2.10
CA VAL B 138 -5.84 -1.26 2.61
C VAL B 138 -5.26 -2.41 3.44
N THR B 139 -3.99 -2.69 3.22
CA THR B 139 -3.31 -3.79 3.93
C THR B 139 -1.95 -3.32 4.46
N GLY B 140 -1.51 -3.92 5.54
CA GLY B 140 -0.20 -3.55 6.12
C GLY B 140 0.05 -4.22 7.48
N TRP B 141 1.27 -4.05 7.95
CA TRP B 141 1.72 -4.63 9.22
C TRP B 141 1.88 -3.56 10.30
N GLY B 142 1.24 -2.44 10.09
CA GLY B 142 1.32 -1.30 11.02
C GLY B 142 0.57 -1.57 12.32
N ASN B 143 0.65 -0.57 13.18
CA ASN B 143 0.04 -0.59 14.51
C ASN B 143 -1.45 -0.87 14.43
N LEU B 144 -1.92 -1.53 15.47
CA LEU B 144 -3.32 -1.91 15.62
C LEU B 144 -4.12 -0.76 16.27
N LYS B 145 -3.40 0.18 16.87
CA LYS B 145 -4.02 1.38 17.49
C LYS B 145 -2.99 2.52 17.51
N GLU B 146 -3.49 3.74 17.64
CA GLU B 146 -2.66 4.98 17.58
C GLU B 146 -1.46 5.00 18.58
N THR B 147 -1.87 4.86 19.77
CA THR B 147 -1.19 4.74 21.09
C THR B 147 -0.53 3.43 21.48
N LYS B 154 -4.46 -4.11 20.11
CA LYS B 154 -3.15 -4.44 20.71
C LYS B 154 -2.05 -3.73 19.88
N GLY B 155 -0.81 -3.88 20.31
CA GLY B 155 0.36 -3.22 19.69
C GLY B 155 0.45 -3.47 18.17
N GLN B 156 1.36 -4.36 17.84
CA GLN B 156 1.65 -4.78 16.45
C GLN B 156 1.03 -6.16 16.18
N PRO B 157 0.59 -6.37 14.94
CA PRO B 157 -0.19 -7.56 14.64
C PRO B 157 0.82 -8.70 14.57
N SER B 158 0.35 -9.90 14.61
CA SER B 158 1.21 -11.06 14.30
C SER B 158 1.27 -11.31 12.79
N VAL B 159 0.17 -11.05 12.09
CA VAL B 159 0.13 -11.23 10.62
C VAL B 159 -0.50 -10.03 9.92
N LEU B 160 -0.25 -10.01 8.61
CA LEU B 160 -0.75 -8.96 7.71
C LEU B 160 -2.24 -8.70 8.01
N GLN B 161 -2.55 -7.42 8.17
CA GLN B 161 -3.92 -6.96 8.48
C GLN B 161 -4.57 -6.37 7.21
N VAL B 162 -5.89 -6.45 7.19
CA VAL B 162 -6.71 -5.98 6.06
C VAL B 162 -7.97 -5.26 6.55
N VAL B 163 -8.37 -4.26 5.76
CA VAL B 163 -9.59 -3.47 6.02
C VAL B 163 -10.06 -2.76 4.75
N ASN B 164 -11.35 -2.83 4.53
CA ASN B 164 -12.03 -2.19 3.39
C ASN B 164 -12.66 -0.87 3.86
N LEU B 165 -12.34 0.21 3.13
CA LEU B 165 -12.80 1.57 3.47
C LEU B 165 -13.35 2.30 2.24
N PRO B 166 -14.41 3.04 2.45
CA PRO B 166 -15.05 3.79 1.34
C PRO B 166 -14.34 5.06 1.02
N ILE B 167 -14.14 5.36 -0.24
CA ILE B 167 -13.65 6.66 -0.70
C ILE B 167 -14.65 7.72 -0.21
N VAL B 168 -14.13 8.87 0.17
CA VAL B 168 -14.95 9.95 0.73
C VAL B 168 -14.99 11.16 -0.21
N GLU B 169 -16.15 11.82 -0.22
CA GLU B 169 -16.37 13.04 -1.02
C GLU B 169 -15.22 14.02 -0.72
N ARG B 170 -14.75 14.66 -1.77
CA ARG B 170 -13.60 15.57 -1.70
C ARG B 170 -13.86 16.79 -0.81
N PRO B 171 -15.07 17.33 -0.73
CA PRO B 171 -15.35 18.42 0.19
C PRO B 171 -15.26 17.90 1.61
N VAL B 172 -15.75 16.68 1.89
CA VAL B 172 -15.67 16.16 3.24
C VAL B 172 -14.21 15.90 3.64
N CYS B 173 -13.39 15.47 2.70
CA CYS B 173 -11.97 15.25 3.01
C CYS B 173 -11.32 16.58 3.43
N LYS B 174 -11.63 17.59 2.64
CA LYS B 174 -11.12 18.97 2.83
C LYS B 174 -11.43 19.53 4.21
N ASP B 175 -12.69 19.40 4.55
CA ASP B 175 -13.26 19.95 5.78
C ASP B 175 -12.87 19.16 7.03
N SER B 176 -12.16 18.08 6.86
CA SER B 176 -11.77 17.25 8.00
C SER B 176 -10.36 17.62 8.49
N THR B 177 -9.71 18.52 7.77
CA THR B 177 -8.31 18.83 8.09
C THR B 177 -7.89 20.25 7.73
N ARG B 178 -6.76 20.63 8.31
CA ARG B 178 -6.16 21.94 8.07
C ARG B 178 -5.10 21.84 6.96
N ILE B 179 -4.70 20.62 6.62
CA ILE B 179 -3.70 20.43 5.53
C ILE B 179 -4.33 20.75 4.19
N ARG B 180 -3.55 21.34 3.31
CA ARG B 180 -4.02 21.64 1.95
C ARG B 180 -4.00 20.37 1.09
N ILE B 181 -5.20 19.99 0.67
CA ILE B 181 -5.46 18.77 -0.14
C ILE B 181 -5.19 19.04 -1.61
N THR B 182 -4.62 18.14 -2.39
CA THR B 182 -4.34 18.49 -3.81
C THR B 182 -5.10 17.41 -4.59
N ASP B 183 -5.08 17.49 -5.90
CA ASP B 183 -5.68 16.52 -6.80
C ASP B 183 -4.85 15.24 -6.83
N ASN B 184 -3.62 15.27 -6.27
CA ASN B 184 -2.81 14.02 -6.26
C ASN B 184 -3.12 13.18 -5.02
N MET B 185 -4.14 13.47 -4.27
CA MET B 185 -4.58 12.79 -3.09
C MET B 185 -6.05 12.46 -3.08
N PHE B 186 -6.49 11.47 -2.29
CA PHE B 186 -7.93 11.25 -2.12
C PHE B 186 -7.99 10.76 -0.65
N CYS B 187 -9.20 10.77 -0.08
CA CYS B 187 -9.22 10.27 1.32
C CYS B 187 -10.24 9.18 1.41
N ALA B 188 -10.18 8.32 2.40
CA ALA B 188 -11.09 7.21 2.58
C ALA B 188 -11.28 6.92 4.07
N GLY B 189 -12.39 6.33 4.45
CA GLY B 189 -12.63 5.99 5.84
C GLY B 189 -14.12 6.24 6.08
N TYR B 190 -14.60 5.61 7.17
CA TYR B 190 -16.03 5.83 7.40
C TYR B 190 -16.17 7.15 8.18
N LYS B 191 -17.33 7.77 8.06
CA LYS B 191 -17.75 8.90 8.90
C LYS B 191 -18.23 8.38 10.26
N PRO B 192 -18.37 9.26 11.24
CA PRO B 192 -18.81 8.95 12.59
C PRO B 192 -20.18 8.35 12.62
N ASP B 193 -21.06 8.88 11.76
CA ASP B 193 -22.42 8.36 11.66
C ASP B 193 -22.50 7.00 10.98
N GLU B 194 -21.45 6.48 10.33
CA GLU B 194 -21.55 5.22 9.60
C GLU B 194 -21.29 4.04 10.53
N GLY B 195 -20.86 4.34 11.77
CA GLY B 195 -20.52 3.42 12.80
C GLY B 195 -19.34 2.50 12.65
N LYS B 196 -19.03 2.07 11.43
CA LYS B 196 -17.92 1.19 11.12
C LYS B 196 -16.63 1.96 11.19
N ARG B 197 -15.53 1.28 11.49
CA ARG B 197 -14.26 1.92 11.73
C ARG B 197 -13.18 1.35 10.80
N GLY B 198 -11.97 1.88 10.94
CA GLY B 198 -10.84 1.37 10.16
C GLY B 198 -9.96 2.49 9.60
N ASP B 199 -8.67 2.21 9.61
CA ASP B 199 -7.69 3.16 9.14
C ASP B 199 -6.32 2.51 9.14
N ALA B 200 -5.43 3.13 8.40
CA ALA B 200 -4.03 2.75 8.38
C ALA B 200 -3.43 3.39 9.64
N CYS B 201 -2.30 2.89 10.05
CA CYS B 201 -1.60 3.42 11.23
C CYS B 201 -0.09 3.22 11.04
N GLU B 202 0.64 3.81 11.96
CA GLU B 202 2.11 3.80 11.98
C GLU B 202 2.67 2.43 11.57
N GLY B 203 3.34 2.44 10.42
CA GLY B 203 3.99 1.25 9.83
C GLY B 203 3.30 0.81 8.53
N ASP B 204 2.11 1.35 8.30
CA ASP B 204 1.28 1.01 7.13
C ASP B 204 1.63 1.86 5.91
N SER B 205 2.23 3.00 6.17
CA SER B 205 2.64 3.94 5.13
C SER B 205 3.29 3.21 3.96
N GLY B 206 3.00 3.71 2.79
CA GLY B 206 3.61 3.21 1.56
C GLY B 206 2.91 1.95 1.01
N GLY B 207 2.04 1.33 1.79
CA GLY B 207 1.31 0.13 1.29
C GLY B 207 0.22 0.60 0.32
N PRO B 208 -0.49 -0.40 -0.23
CA PRO B 208 -1.42 -0.18 -1.32
C PRO B 208 -2.84 -0.02 -0.89
N PHE B 209 -3.58 0.86 -1.60
CA PHE B 209 -5.05 0.93 -1.40
C PHE B 209 -5.57 0.34 -2.73
N VAL B 210 -6.09 -0.87 -2.72
CA VAL B 210 -6.51 -1.53 -3.98
C VAL B 210 -8.03 -1.66 -4.07
N MET B 211 -8.47 -1.86 -5.31
CA MET B 211 -9.87 -2.06 -5.65
C MET B 211 -9.97 -3.12 -6.74
N LYS B 212 -11.00 -3.92 -6.67
CA LYS B 212 -11.22 -5.00 -7.66
C LYS B 212 -12.25 -4.55 -8.69
N SER B 213 -11.78 -4.33 -9.90
CA SER B 213 -12.67 -3.91 -10.99
C SER B 213 -13.77 -4.95 -11.19
N PRO B 214 -15.03 -4.50 -11.17
CA PRO B 214 -16.14 -5.40 -11.44
C PRO B 214 -16.28 -5.71 -12.93
N PHE B 215 -15.55 -5.04 -13.81
CA PHE B 215 -15.55 -5.23 -15.25
C PHE B 215 -14.62 -6.36 -15.70
N ASN B 216 -13.39 -6.38 -15.25
CA ASN B 216 -12.45 -7.43 -15.70
C ASN B 216 -11.93 -8.30 -14.53
N ASN B 217 -12.47 -8.03 -13.36
CA ASN B 217 -12.23 -8.82 -12.13
C ASN B 217 -10.74 -8.88 -11.71
N ARG B 218 -10.04 -7.78 -11.96
CA ARG B 218 -8.63 -7.64 -11.59
C ARG B 218 -8.46 -6.60 -10.48
N TRP B 219 -7.42 -6.78 -9.69
CA TRP B 219 -7.11 -5.84 -8.60
C TRP B 219 -6.20 -4.75 -9.13
N TYR B 220 -6.62 -3.53 -8.86
CA TYR B 220 -5.86 -2.34 -9.26
C TYR B 220 -5.46 -1.55 -8.02
N GLN B 221 -4.24 -1.06 -8.02
CA GLN B 221 -3.77 -0.22 -6.93
C GLN B 221 -4.08 1.24 -7.26
N MET B 222 -5.13 1.73 -6.63
CA MET B 222 -5.60 3.09 -6.85
C MET B 222 -4.87 4.10 -5.95
N GLY B 223 -4.42 3.64 -4.79
CA GLY B 223 -3.83 4.56 -3.82
C GLY B 223 -2.58 3.98 -3.11
N ILE B 224 -1.84 4.89 -2.47
CA ILE B 224 -0.70 4.54 -1.60
C ILE B 224 -0.91 5.23 -0.24
N VAL B 225 -0.85 4.44 0.83
CA VAL B 225 -1.02 4.99 2.18
C VAL B 225 -0.03 6.14 2.34
N SER B 226 -0.56 7.33 2.52
CA SER B 226 0.28 8.55 2.60
C SER B 226 0.29 9.18 3.99
N TRP B 227 -0.84 9.76 4.39
CA TRP B 227 -0.91 10.42 5.71
C TRP B 227 -2.33 10.44 6.28
N GLY B 228 -2.35 10.75 7.57
CA GLY B 228 -3.56 10.86 8.38
C GLY B 228 -3.20 11.53 9.71
N GLU B 229 -4.19 12.06 10.37
CA GLU B 229 -4.01 12.71 11.68
C GLU B 229 -4.46 11.72 12.75
N GLY B 230 -3.50 11.04 13.31
CA GLY B 230 -3.79 9.98 14.27
C GLY B 230 -4.23 8.77 13.45
N CYS B 231 -4.87 7.84 14.11
CA CYS B 231 -5.35 6.62 13.46
C CYS B 231 -6.75 6.31 13.94
N ASP B 232 -7.60 6.16 12.97
CA ASP B 232 -8.99 5.79 13.20
C ASP B 232 -9.71 6.76 14.13
N ARG B 233 -9.37 8.04 14.05
CA ARG B 233 -10.05 9.06 14.87
C ARG B 233 -11.35 9.46 14.19
N ASP B 234 -12.37 9.64 14.99
CA ASP B 234 -13.67 10.09 14.48
C ASP B 234 -13.54 11.45 13.81
N GLY B 235 -14.08 11.56 12.62
CA GLY B 235 -14.09 12.84 11.88
C GLY B 235 -12.80 13.07 11.08
N LYS B 236 -11.90 12.11 11.15
CA LYS B 236 -10.64 12.16 10.41
C LYS B 236 -10.65 11.03 9.37
N TYR B 237 -9.81 11.16 8.36
CA TYR B 237 -9.73 10.16 7.28
C TYR B 237 -8.28 9.96 6.89
N GLY B 238 -8.05 8.81 6.29
CA GLY B 238 -6.74 8.48 5.77
C GLY B 238 -6.63 9.09 4.38
N PHE B 239 -5.47 9.61 4.08
CA PHE B 239 -5.20 10.21 2.77
C PHE B 239 -4.26 9.31 2.01
N TYR B 240 -4.56 9.18 0.75
CA TYR B 240 -3.80 8.30 -0.13
C TYR B 240 -3.34 9.01 -1.40
N THR B 241 -2.14 8.65 -1.82
CA THR B 241 -1.59 9.17 -3.07
C THR B 241 -2.44 8.63 -4.22
N HIS B 242 -2.86 9.51 -5.09
CA HIS B 242 -3.69 9.14 -6.26
C HIS B 242 -2.76 8.57 -7.34
N VAL B 243 -2.67 7.26 -7.40
CA VAL B 243 -1.72 6.59 -8.30
C VAL B 243 -1.98 6.90 -9.76
N PHE B 244 -3.22 6.91 -10.19
CA PHE B 244 -3.45 7.18 -11.61
C PHE B 244 -2.92 8.57 -12.01
N ARG B 245 -3.11 9.56 -11.16
CA ARG B 245 -2.66 10.92 -11.51
C ARG B 245 -1.13 11.03 -11.66
N LEU B 246 -0.39 10.08 -11.11
CA LEU B 246 1.09 10.17 -11.17
C LEU B 246 1.68 9.04 -12.03
N LYS B 247 0.80 8.42 -12.80
CA LYS B 247 1.19 7.28 -13.63
C LYS B 247 2.17 7.68 -14.75
N LYS B 248 2.02 8.87 -15.27
CA LYS B 248 2.93 9.35 -16.33
C LYS B 248 4.37 9.33 -15.81
N TRP B 249 4.52 9.75 -14.58
CA TRP B 249 5.85 9.76 -13.96
C TRP B 249 6.34 8.32 -13.78
N ILE B 250 5.43 7.47 -13.33
CA ILE B 250 5.75 6.05 -13.10
C ILE B 250 6.27 5.42 -14.39
N GLN B 251 5.51 5.62 -15.44
CA GLN B 251 5.82 5.06 -16.77
C GLN B 251 7.15 5.60 -17.31
N LYS B 252 7.37 6.88 -17.11
CA LYS B 252 8.59 7.55 -17.58
C LYS B 252 9.82 6.92 -16.90
N VAL B 253 9.73 6.72 -15.61
CA VAL B 253 10.83 6.13 -14.85
C VAL B 253 11.12 4.70 -15.30
N ILE B 254 10.07 3.93 -15.44
CA ILE B 254 10.24 2.53 -15.83
C ILE B 254 10.71 2.43 -17.28
N ASP B 255 10.15 3.24 -18.15
CA ASP B 255 10.53 3.22 -19.57
C ASP B 255 12.04 3.54 -19.71
N GLN B 256 12.44 4.64 -19.09
CA GLN B 256 13.85 5.11 -19.16
C GLN B 256 14.82 4.22 -18.40
N PHE B 257 14.39 3.70 -17.27
CA PHE B 257 15.28 2.90 -16.46
C PHE B 257 14.87 1.41 -16.48
N ASP C 3 11.52 -7.40 17.57
CA ASP C 3 10.64 -8.62 17.63
C ASP C 3 10.88 -9.52 16.40
N PHE C 4 11.83 -9.10 15.55
CA PHE C 4 12.07 -9.78 14.25
C PHE C 4 13.11 -10.90 14.28
N GLU C 5 12.67 -12.01 13.68
CA GLU C 5 13.51 -13.20 13.53
C GLU C 5 14.60 -12.91 12.50
N GLU C 6 15.77 -13.39 12.81
CA GLU C 6 16.94 -13.22 11.95
C GLU C 6 16.66 -13.78 10.57
N ILE C 7 17.12 -13.06 9.58
CA ILE C 7 16.98 -13.51 8.19
C ILE C 7 18.33 -14.09 7.76
N PRO C 8 18.33 -14.99 6.80
CA PRO C 8 19.59 -15.56 6.30
C PRO C 8 20.54 -14.39 6.06
N GLU C 9 21.61 -14.46 6.87
CA GLU C 9 22.57 -13.36 7.01
C GLU C 9 23.62 -13.65 5.95
N GLU C 10 23.06 -13.25 4.80
CA GLU C 10 23.58 -13.32 3.43
C GLU C 10 22.80 -12.32 2.57
N LEU C 12 22.13 -9.77 3.98
CA LEU C 12 22.63 -8.62 4.74
C LEU C 12 24.08 -8.22 4.48
#